data_2O0K
#
_entry.id   2O0K
#
_cell.length_a   38.7
_cell.length_b   118.5
_cell.length_c   47.5
_cell.angle_alpha   90.0
_cell.angle_beta   92.5
_cell.angle_gamma   90.0
#
_symmetry.space_group_name_H-M   'P 1 21 1'
#
loop_
_entity.id
_entity.type
_entity.pdbx_description
1 polymer 'DNA packaging protein Gp17'
2 water water
#
_entity_poly.entity_id   1
_entity_poly.type   'polypeptide(L)'
_entity_poly.pdbx_seq_one_letter_code
;MGSSHHHHHHSSGLVPRGSHMLEDPMEQPINVLNDFHPLNEAGKILIKHPSLAERKDEDGIHWIKSQWDGKWYPEKFSDY
LRLHKIVKIPNNSDKPELFQTYKDKNNKRSRYMGLPNLKRANIKTQWTREMVEEWKKCRDDIVYFAETYCAITHIDYGVI
KVQLRDYQRDMLKIMSSKRMTVCNLSRQLGKTTVVAIFLAHFVCFNKDKAVGILAHKGSMSAEVLDRTKQAIELLPDFLQ
PGIVEWNKGSIELDNGSSIGAYASSPDAVRGNSFAMIYIEDCAFIPNFHDSWLAIQPVISSGRRSKIIITTTPNGLNHFY
DIWTAAVEGKSGFEPYTAIWNSVKERLYNDEDIFDDGWQWSIQTINGSSLAQFRQEHTAAFEGTS
;
_entity_poly.pdbx_strand_id   A
#
# COMPACT_ATOMS: atom_id res chain seq x y z
N MET A 26 19.32 43.65 -26.49
CA MET A 26 18.77 42.70 -25.52
C MET A 26 19.85 41.78 -24.97
N GLU A 27 20.54 42.20 -23.94
CA GLU A 27 21.62 41.41 -23.35
C GLU A 27 21.18 40.05 -22.86
N GLN A 28 19.90 39.89 -22.55
CA GLN A 28 19.37 38.58 -22.13
C GLN A 28 17.87 38.50 -22.20
N PRO A 29 17.32 37.32 -21.92
CA PRO A 29 15.89 37.10 -22.09
C PRO A 29 15.07 38.01 -21.18
N ILE A 30 13.75 37.82 -21.18
CA ILE A 30 12.87 38.63 -20.34
C ILE A 30 12.41 37.92 -19.08
N ASN A 31 11.64 36.86 -19.22
CA ASN A 31 11.16 36.21 -18.01
C ASN A 31 11.60 34.79 -17.79
N VAL A 32 12.84 34.60 -17.45
CA VAL A 32 13.26 33.28 -17.04
C VAL A 32 13.03 33.29 -15.55
N LEU A 33 13.75 32.50 -14.82
CA LEU A 33 13.65 32.47 -13.39
C LEU A 33 15.03 32.02 -12.99
N ASN A 34 15.71 32.75 -12.14
CA ASN A 34 17.09 32.31 -11.82
C ASN A 34 17.20 31.30 -10.66
N ASP A 35 16.11 31.05 -9.93
CA ASP A 35 16.13 30.08 -8.81
C ASP A 35 16.81 28.78 -9.20
N PHE A 36 17.74 28.33 -8.37
CA PHE A 36 18.47 27.11 -8.63
C PHE A 36 17.91 25.93 -7.89
N HIS A 37 17.99 24.77 -8.53
CA HIS A 37 17.55 23.51 -7.96
C HIS A 37 18.43 22.45 -8.63
N PRO A 38 19.17 21.68 -7.82
CA PRO A 38 20.07 20.65 -8.33
C PRO A 38 19.37 19.55 -9.10
N LEU A 39 18.06 19.51 -8.94
CA LEU A 39 17.23 18.52 -9.60
C LEU A 39 17.03 18.91 -11.06
N ASN A 40 17.23 20.19 -11.37
CA ASN A 40 17.06 20.68 -12.74
C ASN A 40 18.43 20.95 -13.34
N GLU A 41 19.44 20.24 -12.85
CA GLU A 41 20.80 20.43 -13.30
C GLU A 41 21.28 19.45 -14.36
N ALA A 42 20.37 19.00 -15.21
CA ALA A 42 20.74 18.09 -16.30
C ALA A 42 19.99 18.58 -17.53
N GLY A 43 19.96 17.78 -18.58
CA GLY A 43 19.27 18.23 -19.78
C GLY A 43 17.76 18.26 -19.61
N LYS A 44 17.28 18.79 -18.49
CA LYS A 44 15.83 18.84 -18.28
C LYS A 44 15.39 19.58 -17.03
N ILE A 45 14.18 20.11 -17.09
CA ILE A 45 13.56 20.82 -15.98
C ILE A 45 12.62 19.80 -15.35
N LEU A 46 13.06 19.21 -14.26
CA LEU A 46 12.30 18.18 -13.56
C LEU A 46 11.32 18.73 -12.53
N ILE A 47 11.63 19.90 -11.95
CA ILE A 47 10.74 20.48 -10.96
C ILE A 47 10.49 21.96 -11.22
N LYS A 48 9.21 22.34 -11.25
CA LYS A 48 8.82 23.72 -11.51
C LYS A 48 8.72 24.54 -10.23
N HIS A 49 9.20 25.77 -10.29
CA HIS A 49 9.15 26.65 -9.11
C HIS A 49 7.68 26.92 -8.76
N PRO A 50 7.36 26.92 -7.45
CA PRO A 50 5.99 27.17 -6.99
C PRO A 50 5.34 28.48 -7.43
N SER A 51 6.14 29.51 -7.67
CA SER A 51 5.59 30.79 -8.08
C SER A 51 4.87 30.72 -9.42
N LEU A 52 5.19 29.68 -10.20
CA LEU A 52 4.59 29.51 -11.51
C LEU A 52 3.25 28.77 -11.47
N ALA A 53 2.92 28.21 -10.31
CA ALA A 53 1.69 27.46 -10.15
C ALA A 53 0.39 28.26 -10.16
N GLU A 54 -0.72 27.58 -10.46
CA GLU A 54 -2.03 28.21 -10.44
C GLU A 54 -2.43 28.34 -8.96
N ARG A 55 -3.12 29.43 -8.62
CA ARG A 55 -3.55 29.69 -7.25
C ARG A 55 -5.00 30.15 -7.27
N LYS A 56 -5.62 30.10 -6.10
CA LYS A 56 -6.99 30.56 -5.99
C LYS A 56 -7.37 30.76 -4.54
N ASP A 57 -8.42 31.54 -4.34
CA ASP A 57 -8.93 31.82 -3.01
C ASP A 57 -10.28 31.13 -2.94
N GLU A 58 -10.57 30.51 -1.80
CA GLU A 58 -11.84 29.81 -1.61
C GLU A 58 -11.96 29.34 -0.16
N ASP A 59 -13.15 29.50 0.41
CA ASP A 59 -13.40 29.12 1.80
C ASP A 59 -12.55 29.94 2.76
N GLY A 60 -12.20 31.14 2.35
CA GLY A 60 -11.39 31.99 3.21
C GLY A 60 -9.92 31.66 3.23
N ILE A 61 -9.51 30.65 2.47
CA ILE A 61 -8.09 30.30 2.43
C ILE A 61 -7.58 30.36 0.99
N HIS A 62 -6.27 30.25 0.84
CA HIS A 62 -5.62 30.30 -0.47
C HIS A 62 -5.16 28.88 -0.85
N TRP A 63 -5.27 28.51 -2.13
CA TRP A 63 -4.83 27.16 -2.54
C TRP A 63 -3.90 27.20 -3.74
N ILE A 64 -3.00 26.23 -3.79
CA ILE A 64 -2.04 26.12 -4.88
C ILE A 64 -2.31 24.76 -5.56
N LYS A 65 -2.18 24.72 -6.88
CA LYS A 65 -2.38 23.46 -7.60
C LYS A 65 -1.00 22.81 -7.81
N SER A 66 -0.88 21.54 -7.44
CA SER A 66 0.38 20.83 -7.58
C SER A 66 0.66 20.38 -9.01
N GLN A 67 1.93 20.29 -9.35
CA GLN A 67 2.41 19.89 -10.67
C GLN A 67 2.51 18.38 -10.78
N TRP A 68 2.49 17.68 -9.65
CA TRP A 68 2.59 16.22 -9.61
C TRP A 68 1.20 15.60 -9.69
N ASP A 69 0.26 16.30 -9.07
CA ASP A 69 -1.13 15.89 -8.94
C ASP A 69 -2.11 16.56 -9.87
N GLY A 70 -2.03 17.88 -9.91
CA GLY A 70 -2.99 18.62 -10.70
C GLY A 70 -4.05 18.97 -9.68
N LYS A 71 -3.90 18.45 -8.46
CA LYS A 71 -4.82 18.72 -7.35
C LYS A 71 -4.50 20.03 -6.61
N TRP A 72 -5.47 20.50 -5.83
CA TRP A 72 -5.34 21.73 -5.06
C TRP A 72 -4.97 21.52 -3.61
N TYR A 73 -3.93 22.23 -3.16
CA TYR A 73 -3.51 22.14 -1.76
C TYR A 73 -3.59 23.49 -1.11
N PRO A 74 -3.88 23.51 0.20
CA PRO A 74 -3.98 24.78 0.92
C PRO A 74 -2.55 25.32 1.06
N GLU A 75 -2.39 26.63 0.95
CA GLU A 75 -1.08 27.24 1.11
C GLU A 75 -0.48 26.99 2.50
N LYS A 76 -1.30 27.02 3.55
CA LYS A 76 -0.77 26.79 4.89
C LYS A 76 -0.89 25.34 5.32
N PHE A 77 0.25 24.79 5.75
CA PHE A 77 0.34 23.40 6.21
C PHE A 77 -0.64 23.08 7.32
N SER A 78 -0.91 24.06 8.17
CA SER A 78 -1.86 23.87 9.26
C SER A 78 -3.21 23.46 8.70
N ASP A 79 -3.53 23.91 7.49
CA ASP A 79 -4.83 23.59 6.91
C ASP A 79 -4.86 22.24 6.20
N TYR A 80 -3.71 21.75 5.74
CA TYR A 80 -3.66 20.43 5.12
C TYR A 80 -3.88 19.46 6.29
N LEU A 81 -3.33 19.81 7.47
CA LEU A 81 -3.45 19.00 8.70
C LEU A 81 -4.89 18.88 9.15
N ARG A 82 -5.62 20.00 9.05
CA ARG A 82 -7.03 20.04 9.41
C ARG A 82 -7.95 19.27 8.47
N LEU A 83 -7.50 19.02 7.24
CA LEU A 83 -8.31 18.26 6.28
C LEU A 83 -8.01 16.77 6.38
N HIS A 84 -7.00 16.42 7.17
CA HIS A 84 -6.62 15.03 7.34
C HIS A 84 -6.51 14.69 8.81
N LYS A 85 -7.64 14.81 9.46
CA LYS A 85 -7.79 14.52 10.88
C LYS A 85 -7.25 13.15 11.24
N ILE A 86 -7.22 12.87 12.53
CA ILE A 86 -6.76 11.59 13.05
C ILE A 86 -7.92 11.03 13.85
N VAL A 87 -8.71 10.17 13.22
CA VAL A 87 -9.86 9.56 13.89
C VAL A 87 -9.45 8.41 14.79
N LYS A 88 -9.76 8.54 16.07
CA LYS A 88 -9.42 7.52 17.05
C LYS A 88 -10.55 6.49 17.08
N ILE A 89 -10.20 5.23 17.30
CA ILE A 89 -11.20 4.18 17.34
C ILE A 89 -11.54 3.80 18.77
N PRO A 90 -12.79 4.03 19.18
CA PRO A 90 -13.21 3.70 20.54
C PRO A 90 -13.50 2.19 20.70
N ASN A 91 -12.74 1.55 21.58
CA ASN A 91 -12.91 0.12 21.86
C ASN A 91 -14.37 -0.16 22.20
N ASN A 92 -14.86 -1.33 21.79
CA ASN A 92 -16.24 -1.70 22.05
C ASN A 92 -16.36 -3.22 22.17
N SER A 93 -16.82 -3.69 23.33
CA SER A 93 -16.99 -5.12 23.57
C SER A 93 -18.27 -5.38 24.36
N ASP A 94 -19.14 -4.37 24.41
CA ASP A 94 -20.39 -4.45 25.17
C ASP A 94 -21.64 -3.95 24.45
N LYS A 95 -21.49 -3.41 23.24
CA LYS A 95 -22.65 -2.90 22.53
C LYS A 95 -22.72 -3.39 21.09
N PRO A 96 -23.21 -4.64 20.89
CA PRO A 96 -23.34 -5.29 19.58
C PRO A 96 -24.05 -4.46 18.51
N GLU A 97 -25.06 -3.69 18.89
CA GLU A 97 -25.78 -2.88 17.93
C GLU A 97 -24.84 -2.05 17.07
N LEU A 98 -23.76 -1.54 17.68
CA LEU A 98 -22.77 -0.75 16.97
C LEU A 98 -21.81 -1.72 16.33
N PHE A 99 -22.37 -2.65 15.57
CA PHE A 99 -21.60 -3.67 14.88
C PHE A 99 -20.35 -3.18 14.15
N GLN A 100 -20.30 -1.92 13.74
CA GLN A 100 -19.11 -1.43 13.05
C GLN A 100 -17.86 -1.49 13.89
N THR A 101 -18.05 -1.54 15.20
CA THR A 101 -16.91 -1.60 16.09
C THR A 101 -17.04 -2.66 17.17
N TYR A 102 -18.12 -3.45 17.10
CA TYR A 102 -18.30 -4.48 18.09
C TYR A 102 -17.30 -5.62 17.94
N LYS A 103 -16.82 -6.11 19.07
CA LYS A 103 -15.86 -7.21 19.14
C LYS A 103 -16.13 -7.97 20.45
N ASP A 104 -16.63 -9.19 20.33
CA ASP A 104 -16.93 -10.00 21.50
C ASP A 104 -15.63 -10.43 22.17
N LYS A 105 -14.96 -9.51 22.86
CA LYS A 105 -13.69 -9.84 23.51
C LYS A 105 -13.78 -10.65 24.80
N ASN A 106 -14.78 -10.37 25.61
CA ASN A 106 -14.93 -11.05 26.89
C ASN A 106 -15.73 -12.34 26.84
N ASN A 107 -15.88 -12.89 25.65
CA ASN A 107 -16.62 -14.13 25.49
C ASN A 107 -15.73 -15.27 25.00
N LYS A 108 -14.99 -15.86 25.92
CA LYS A 108 -14.06 -16.94 25.62
C LYS A 108 -14.58 -18.06 24.73
N ARG A 109 -15.87 -18.34 24.80
CA ARG A 109 -16.46 -19.39 23.96
C ARG A 109 -16.26 -19.10 22.48
N SER A 110 -16.29 -17.83 22.11
CA SER A 110 -16.14 -17.44 20.71
C SER A 110 -14.79 -16.83 20.34
N ARG A 111 -13.78 -17.02 21.18
CA ARG A 111 -12.47 -16.47 20.87
C ARG A 111 -11.56 -17.58 20.35
N TYR A 112 -10.57 -17.22 19.57
CA TYR A 112 -9.65 -18.23 19.07
C TYR A 112 -8.60 -18.33 20.19
N MET A 113 -8.65 -19.44 20.94
CA MET A 113 -7.77 -19.71 22.07
C MET A 113 -7.59 -18.55 23.03
N GLY A 114 -8.69 -18.21 23.71
CA GLY A 114 -8.70 -17.14 24.70
C GLY A 114 -8.02 -15.83 24.36
N LEU A 115 -7.77 -15.61 23.08
CA LEU A 115 -7.14 -14.37 22.65
C LEU A 115 -8.23 -13.32 22.61
N PRO A 116 -7.93 -12.09 23.04
CA PRO A 116 -9.00 -11.10 22.98
C PRO A 116 -9.45 -10.68 21.59
N ASN A 117 -8.50 -10.32 20.74
CA ASN A 117 -8.78 -9.83 19.40
C ASN A 117 -9.13 -10.79 18.27
N LEU A 118 -9.10 -12.09 18.51
CA LEU A 118 -9.37 -13.02 17.43
C LEU A 118 -10.62 -13.88 17.63
N LYS A 119 -11.37 -14.08 16.55
CA LYS A 119 -12.59 -14.88 16.59
C LYS A 119 -12.29 -16.35 16.22
N ARG A 120 -12.96 -17.25 16.93
CA ARG A 120 -12.86 -18.70 16.74
C ARG A 120 -13.49 -19.11 15.40
N ALA A 121 -13.29 -20.34 14.96
CA ALA A 121 -13.84 -20.79 13.67
C ALA A 121 -15.17 -21.57 13.71
N ASN A 122 -15.84 -21.60 12.56
CA ASN A 122 -17.10 -22.31 12.37
C ASN A 122 -18.17 -21.92 13.38
N ILE A 123 -18.22 -20.64 13.71
CA ILE A 123 -19.19 -20.10 14.66
C ILE A 123 -20.27 -19.28 13.94
N LYS A 124 -21.53 -19.62 14.17
CA LYS A 124 -22.64 -18.92 13.51
C LYS A 124 -23.19 -17.73 14.29
N THR A 125 -23.89 -16.85 13.58
CA THR A 125 -24.49 -15.65 14.17
C THR A 125 -25.55 -15.10 13.23
N GLN A 126 -26.50 -14.34 13.77
CA GLN A 126 -27.54 -13.77 12.93
C GLN A 126 -27.14 -12.35 12.63
N TRP A 127 -27.50 -11.90 11.43
CA TRP A 127 -27.17 -10.57 10.97
C TRP A 127 -28.40 -9.79 10.57
N THR A 128 -28.25 -8.48 10.53
CA THR A 128 -29.33 -7.62 10.11
C THR A 128 -29.08 -7.37 8.63
N ARG A 129 -30.04 -6.76 7.95
CA ARG A 129 -29.89 -6.50 6.54
C ARG A 129 -28.84 -5.40 6.40
N GLU A 130 -28.78 -4.55 7.42
CA GLU A 130 -27.84 -3.44 7.43
C GLU A 130 -26.44 -4.06 7.41
N MET A 131 -26.21 -5.01 8.30
CA MET A 131 -24.92 -5.68 8.38
C MET A 131 -24.51 -6.35 7.07
N VAL A 132 -25.41 -7.14 6.49
CA VAL A 132 -25.13 -7.83 5.25
C VAL A 132 -24.72 -6.86 4.14
N GLU A 133 -25.49 -5.79 3.98
CA GLU A 133 -25.22 -4.83 2.93
C GLU A 133 -23.88 -4.13 3.13
N GLU A 134 -23.54 -3.81 4.38
CA GLU A 134 -22.27 -3.17 4.67
C GLU A 134 -21.17 -4.17 4.34
N TRP A 135 -21.40 -5.44 4.68
CA TRP A 135 -20.41 -6.47 4.39
C TRP A 135 -20.20 -6.52 2.88
N LYS A 136 -21.29 -6.53 2.11
CA LYS A 136 -21.18 -6.56 0.65
C LYS A 136 -20.54 -5.29 0.11
N LYS A 137 -20.72 -4.18 0.81
CA LYS A 137 -20.15 -2.92 0.38
C LYS A 137 -18.62 -3.00 0.43
N CYS A 138 -18.08 -3.64 1.46
CA CYS A 138 -16.63 -3.78 1.57
C CYS A 138 -16.08 -4.79 0.57
N ARG A 139 -16.81 -5.87 0.36
CA ARG A 139 -16.38 -6.88 -0.58
C ARG A 139 -16.15 -6.28 -1.97
N ASP A 140 -16.93 -5.27 -2.33
CA ASP A 140 -16.81 -4.68 -3.65
C ASP A 140 -16.10 -3.33 -3.75
N ASP A 141 -15.97 -2.63 -2.63
CA ASP A 141 -15.29 -1.34 -2.62
C ASP A 141 -14.09 -1.39 -1.68
N ILE A 142 -12.99 -1.95 -2.16
CA ILE A 142 -11.82 -2.09 -1.32
C ILE A 142 -11.34 -0.79 -0.66
N VAL A 143 -11.48 0.33 -1.35
CA VAL A 143 -11.06 1.62 -0.81
C VAL A 143 -11.96 2.01 0.36
N TYR A 144 -13.24 1.65 0.26
CA TYR A 144 -14.17 1.96 1.34
C TYR A 144 -13.70 1.16 2.55
N PHE A 145 -13.58 -0.15 2.36
CA PHE A 145 -13.11 -1.05 3.40
C PHE A 145 -11.82 -0.52 4.05
N ALA A 146 -10.91 0.00 3.23
CA ALA A 146 -9.65 0.52 3.74
C ALA A 146 -9.80 1.80 4.60
N GLU A 147 -10.55 2.78 4.10
CA GLU A 147 -10.73 4.02 4.85
C GLU A 147 -11.68 3.91 6.02
N THR A 148 -12.43 2.81 6.08
CA THR A 148 -13.42 2.63 7.12
C THR A 148 -13.08 1.65 8.25
N TYR A 149 -12.44 0.54 7.92
CA TYR A 149 -12.16 -0.44 8.95
C TYR A 149 -10.71 -0.78 9.20
N CYS A 150 -9.83 -0.43 8.28
CA CYS A 150 -8.44 -0.75 8.46
C CYS A 150 -7.78 0.23 9.43
N ALA A 151 -7.31 -0.32 10.55
CA ALA A 151 -6.70 0.44 11.64
C ALA A 151 -5.24 0.12 11.89
N ILE A 152 -4.55 1.02 12.58
CA ILE A 152 -3.12 0.87 12.88
C ILE A 152 -2.82 0.93 14.37
N THR A 153 -1.65 0.46 14.80
CA THR A 153 -1.21 0.52 16.19
C THR A 153 -2.08 -0.34 17.09
N HIS A 154 -1.97 -0.08 18.38
CA HIS A 154 -2.77 -0.72 19.44
C HIS A 154 -2.37 -0.32 20.86
N ILE A 155 -1.15 -0.61 21.28
CA ILE A 155 -0.74 -0.27 22.65
C ILE A 155 -0.19 1.15 22.90
N ASP A 156 0.19 1.88 21.87
CA ASP A 156 0.71 3.23 22.06
C ASP A 156 -0.41 4.14 21.64
N TYR A 157 -0.10 5.36 21.35
CA TYR A 157 -0.99 6.43 20.93
C TYR A 157 -2.49 6.14 20.69
N GLY A 158 -2.90 4.87 20.72
CA GLY A 158 -4.30 4.51 20.53
C GLY A 158 -4.56 3.80 19.22
N VAL A 159 -5.64 3.02 19.16
CA VAL A 159 -6.04 2.31 17.96
C VAL A 159 -6.75 3.33 17.08
N ILE A 160 -6.17 3.63 15.93
CA ILE A 160 -6.74 4.62 15.03
C ILE A 160 -6.97 4.09 13.61
N LYS A 161 -7.71 4.87 12.83
CA LYS A 161 -7.98 4.53 11.44
C LYS A 161 -6.70 4.83 10.67
N VAL A 162 -6.49 4.14 9.55
CA VAL A 162 -5.29 4.39 8.76
C VAL A 162 -5.48 5.66 7.94
N GLN A 163 -4.43 6.45 7.81
CA GLN A 163 -4.46 7.65 7.03
C GLN A 163 -3.91 7.29 5.67
N LEU A 164 -4.80 6.84 4.79
CA LEU A 164 -4.44 6.37 3.45
C LEU A 164 -4.00 7.49 2.51
N ARG A 165 -2.87 7.30 1.85
CA ARG A 165 -2.38 8.31 0.91
C ARG A 165 -2.99 8.06 -0.49
N ASP A 166 -3.08 9.10 -1.30
CA ASP A 166 -3.63 8.95 -2.64
C ASP A 166 -2.98 7.85 -3.47
N TYR A 167 -1.65 7.75 -3.42
CA TYR A 167 -0.96 6.75 -4.21
C TYR A 167 -1.36 5.35 -3.75
N GLN A 168 -1.73 5.27 -2.48
CA GLN A 168 -2.14 4.00 -1.92
C GLN A 168 -3.53 3.61 -2.42
N ARG A 169 -4.41 4.58 -2.59
CA ARG A 169 -5.75 4.31 -3.08
C ARG A 169 -5.59 3.77 -4.49
N ASP A 170 -4.75 4.45 -5.26
CA ASP A 170 -4.44 4.08 -6.63
C ASP A 170 -4.03 2.62 -6.75
N MET A 171 -3.15 2.18 -5.88
CA MET A 171 -2.67 0.80 -5.91
C MET A 171 -3.73 -0.20 -5.53
N LEU A 172 -4.51 0.11 -4.50
CA LEU A 172 -5.55 -0.78 -4.08
C LEU A 172 -6.50 -0.99 -5.25
N LYS A 173 -6.85 0.09 -5.94
CA LYS A 173 -7.76 -0.01 -7.06
C LYS A 173 -7.16 -0.85 -8.18
N ILE A 174 -5.95 -0.52 -8.60
CA ILE A 174 -5.31 -1.30 -9.64
C ILE A 174 -5.20 -2.77 -9.23
N MET A 175 -4.45 -3.05 -8.18
CA MET A 175 -4.30 -4.44 -7.74
C MET A 175 -5.63 -5.18 -7.69
N SER A 176 -6.66 -4.45 -7.32
CA SER A 176 -8.00 -5.01 -7.20
C SER A 176 -8.63 -5.39 -8.57
N SER A 177 -8.52 -4.50 -9.54
CA SER A 177 -9.10 -4.71 -10.87
C SER A 177 -8.27 -5.52 -11.88
N LYS A 178 -6.95 -5.41 -11.83
CA LYS A 178 -6.13 -6.17 -12.78
C LYS A 178 -5.63 -7.48 -12.16
N ARG A 179 -5.45 -8.50 -12.99
CA ARG A 179 -4.98 -9.78 -12.50
C ARG A 179 -3.47 -9.78 -12.26
N MET A 180 -2.73 -9.06 -13.09
CA MET A 180 -1.28 -8.99 -12.98
C MET A 180 -0.80 -7.56 -12.78
N THR A 181 -0.09 -7.30 -11.68
CA THR A 181 0.40 -5.95 -11.38
C THR A 181 1.86 -5.85 -11.01
N VAL A 182 2.53 -4.82 -11.53
CA VAL A 182 3.93 -4.57 -11.24
C VAL A 182 4.09 -3.13 -10.76
N CYS A 183 4.62 -2.94 -9.56
CA CYS A 183 4.82 -1.61 -9.01
C CYS A 183 6.28 -1.21 -8.86
N ASN A 184 6.63 -0.08 -9.46
CA ASN A 184 7.98 0.44 -9.39
C ASN A 184 7.89 1.58 -8.40
N LEU A 185 8.29 1.34 -7.15
CA LEU A 185 8.21 2.39 -6.13
C LEU A 185 9.57 2.85 -5.61
N SER A 186 9.57 4.03 -5.01
CA SER A 186 10.78 4.57 -4.39
C SER A 186 10.63 4.18 -2.93
N ARG A 187 11.69 4.32 -2.16
CA ARG A 187 11.62 3.95 -0.76
C ARG A 187 11.05 5.12 0.03
N GLN A 188 10.83 4.92 1.33
CA GLN A 188 10.31 5.97 2.21
C GLN A 188 8.80 6.22 2.05
N LEU A 189 8.16 5.51 1.13
CA LEU A 189 6.73 5.71 0.88
C LEU A 189 5.78 4.97 1.82
N GLY A 190 6.24 3.87 2.41
CA GLY A 190 5.42 3.09 3.33
C GLY A 190 4.44 2.17 2.63
N LYS A 191 4.92 1.46 1.61
CA LYS A 191 4.05 0.59 0.84
C LYS A 191 3.55 -0.70 1.47
N THR A 192 4.21 -1.18 2.52
CA THR A 192 3.75 -2.41 3.15
C THR A 192 2.38 -2.26 3.79
N THR A 193 2.04 -1.06 4.22
CA THR A 193 0.74 -0.81 4.82
C THR A 193 -0.38 -1.14 3.83
N VAL A 194 -0.25 -0.64 2.59
CA VAL A 194 -1.27 -0.89 1.61
C VAL A 194 -1.29 -2.37 1.19
N VAL A 195 -0.11 -2.98 1.13
CA VAL A 195 -0.04 -4.39 0.78
C VAL A 195 -0.76 -5.23 1.84
N ALA A 196 -0.51 -4.90 3.10
CA ALA A 196 -1.12 -5.61 4.22
C ALA A 196 -2.65 -5.49 4.13
N ILE A 197 -3.11 -4.29 3.81
CA ILE A 197 -4.54 -4.05 3.68
C ILE A 197 -5.14 -4.90 2.57
N PHE A 198 -4.46 -4.94 1.43
CA PHE A 198 -4.93 -5.70 0.28
C PHE A 198 -5.16 -7.19 0.51
N LEU A 199 -4.16 -7.85 1.12
CA LEU A 199 -4.25 -9.27 1.39
C LEU A 199 -5.28 -9.57 2.47
N ALA A 200 -5.45 -8.63 3.38
CA ALA A 200 -6.41 -8.80 4.45
C ALA A 200 -7.80 -8.79 3.80
N HIS A 201 -7.93 -8.05 2.70
CA HIS A 201 -9.19 -7.95 2.00
C HIS A 201 -9.41 -9.19 1.16
N PHE A 202 -8.35 -9.65 0.51
CA PHE A 202 -8.44 -10.83 -0.35
C PHE A 202 -8.91 -12.06 0.39
N VAL A 203 -8.23 -12.42 1.48
CA VAL A 203 -8.64 -13.60 2.20
C VAL A 203 -9.92 -13.41 3.01
N CYS A 204 -10.30 -12.17 3.27
CA CYS A 204 -11.52 -11.92 4.03
C CYS A 204 -12.78 -12.01 3.19
N PHE A 205 -12.69 -11.69 1.90
CA PHE A 205 -13.88 -11.73 1.05
C PHE A 205 -13.85 -12.78 -0.06
N ASN A 206 -12.92 -13.72 0.05
CA ASN A 206 -12.79 -14.78 -0.95
C ASN A 206 -12.68 -16.10 -0.22
N LYS A 207 -13.29 -17.15 -0.78
CA LYS A 207 -13.28 -18.46 -0.17
C LYS A 207 -12.35 -19.49 -0.83
N ASP A 208 -11.68 -20.27 -0.01
CA ASP A 208 -10.78 -21.32 -0.50
C ASP A 208 -9.68 -20.80 -1.43
N LYS A 209 -9.08 -19.67 -1.08
CA LYS A 209 -8.00 -19.09 -1.87
C LYS A 209 -6.71 -19.11 -1.10
N ALA A 210 -5.68 -19.76 -1.66
CA ALA A 210 -4.39 -19.82 -1.01
C ALA A 210 -3.48 -18.73 -1.55
N VAL A 211 -2.97 -17.89 -0.65
CA VAL A 211 -2.05 -16.81 -1.03
C VAL A 211 -0.64 -17.12 -0.55
N GLY A 212 0.35 -16.77 -1.36
CA GLY A 212 1.72 -17.02 -0.98
C GLY A 212 2.54 -15.75 -1.10
N ILE A 213 3.30 -15.42 -0.07
CA ILE A 213 4.15 -14.24 -0.07
C ILE A 213 5.57 -14.72 -0.26
N LEU A 214 6.24 -14.26 -1.31
CA LEU A 214 7.62 -14.66 -1.58
C LEU A 214 8.52 -13.44 -1.46
N ALA A 215 9.78 -13.66 -1.09
CA ALA A 215 10.75 -12.59 -0.96
C ALA A 215 12.15 -13.19 -0.93
N HIS A 216 13.16 -12.33 -0.94
CA HIS A 216 14.55 -12.77 -0.88
C HIS A 216 14.68 -13.70 0.31
N LYS A 217 14.31 -13.22 1.49
CA LYS A 217 14.42 -14.10 2.64
C LYS A 217 13.11 -14.29 3.37
N GLY A 218 12.96 -15.44 4.01
CA GLY A 218 11.74 -15.74 4.75
C GLY A 218 11.44 -14.65 5.77
N SER A 219 12.48 -13.95 6.20
CA SER A 219 12.30 -12.89 7.19
C SER A 219 11.41 -11.75 6.68
N MET A 220 11.65 -11.32 5.44
CA MET A 220 10.88 -10.23 4.86
C MET A 220 9.44 -10.65 4.59
N SER A 221 9.25 -11.94 4.30
CA SER A 221 7.92 -12.45 4.02
C SER A 221 7.09 -12.48 5.29
N ALA A 222 7.73 -12.83 6.39
CA ALA A 222 7.05 -12.92 7.67
C ALA A 222 6.58 -11.58 8.17
N GLU A 223 7.32 -10.52 7.84
CA GLU A 223 6.92 -9.21 8.31
C GLU A 223 5.72 -8.71 7.51
N VAL A 224 5.68 -9.06 6.23
CA VAL A 224 4.54 -8.67 5.40
C VAL A 224 3.34 -9.46 5.89
N LEU A 225 3.56 -10.71 6.27
CA LEU A 225 2.47 -11.52 6.78
C LEU A 225 2.04 -10.99 8.12
N ASP A 226 3.03 -10.67 8.96
CA ASP A 226 2.79 -10.13 10.28
C ASP A 226 1.92 -8.86 10.24
N ARG A 227 2.25 -7.95 9.33
CA ARG A 227 1.51 -6.73 9.14
C ARG A 227 0.08 -6.97 8.72
N THR A 228 -0.07 -8.00 7.91
CA THR A 228 -1.39 -8.38 7.42
C THR A 228 -2.26 -8.93 8.55
N LYS A 229 -1.65 -9.63 9.50
CA LYS A 229 -2.40 -10.18 10.62
C LYS A 229 -2.89 -9.05 11.53
N GLN A 230 -2.02 -8.07 11.80
CA GLN A 230 -2.39 -6.94 12.66
C GLN A 230 -3.59 -6.17 12.09
N ALA A 231 -3.70 -6.12 10.77
CA ALA A 231 -4.81 -5.42 10.14
C ALA A 231 -6.09 -6.24 10.28
N ILE A 232 -5.91 -7.55 10.39
CA ILE A 232 -7.02 -8.49 10.53
C ILE A 232 -7.48 -8.55 11.99
N GLU A 233 -6.53 -8.63 12.90
CA GLU A 233 -6.87 -8.68 14.32
C GLU A 233 -7.78 -7.53 14.71
N LEU A 234 -7.53 -6.37 14.13
CA LEU A 234 -8.29 -5.16 14.46
C LEU A 234 -9.64 -4.94 13.79
N LEU A 235 -10.03 -5.84 12.89
CA LEU A 235 -11.30 -5.73 12.20
C LEU A 235 -12.40 -6.06 13.18
N PRO A 236 -13.59 -5.45 13.00
CA PRO A 236 -14.73 -5.71 13.88
C PRO A 236 -15.25 -7.12 13.54
N ASP A 237 -15.83 -7.78 14.51
CA ASP A 237 -16.34 -9.13 14.35
C ASP A 237 -17.13 -9.52 13.08
N PHE A 238 -17.98 -8.65 12.55
CA PHE A 238 -18.74 -9.08 11.38
C PHE A 238 -17.90 -9.19 10.10
N LEU A 239 -16.74 -8.52 10.09
CA LEU A 239 -15.85 -8.57 8.93
C LEU A 239 -14.68 -9.55 9.14
N GLN A 240 -14.38 -9.87 10.39
CA GLN A 240 -13.27 -10.76 10.68
C GLN A 240 -13.67 -12.22 10.55
N PRO A 241 -12.99 -12.98 9.69
CA PRO A 241 -13.40 -14.39 9.58
C PRO A 241 -12.88 -15.12 10.81
N GLY A 242 -13.28 -16.36 10.95
CA GLY A 242 -12.83 -17.15 12.08
C GLY A 242 -11.45 -17.68 11.76
N ILE A 243 -10.58 -17.68 12.77
CA ILE A 243 -9.22 -18.15 12.61
C ILE A 243 -9.16 -19.64 12.83
N VAL A 244 -8.59 -20.36 11.87
CA VAL A 244 -8.43 -21.80 11.97
C VAL A 244 -6.97 -22.07 12.30
N GLU A 245 -6.12 -21.06 12.07
CA GLU A 245 -4.69 -21.15 12.36
C GLU A 245 -4.00 -19.79 12.36
N TRP A 246 -3.19 -19.54 13.38
CA TRP A 246 -2.50 -18.26 13.50
C TRP A 246 -1.01 -18.38 13.79
N ASN A 247 -0.27 -18.85 12.79
CA ASN A 247 1.17 -19.06 12.88
C ASN A 247 2.00 -17.84 12.50
N LYS A 248 3.30 -17.94 12.70
CA LYS A 248 4.21 -16.84 12.37
C LYS A 248 4.52 -16.90 10.88
N GLY A 249 4.43 -18.10 10.30
CA GLY A 249 4.70 -18.24 8.90
C GLY A 249 3.48 -18.47 8.04
N SER A 250 2.31 -18.60 8.65
CA SER A 250 1.08 -18.79 7.90
C SER A 250 -0.18 -18.68 8.74
N ILE A 251 -1.30 -18.50 8.06
CA ILE A 251 -2.61 -18.43 8.71
C ILE A 251 -3.66 -19.05 7.79
N GLU A 252 -4.74 -19.54 8.38
CA GLU A 252 -5.83 -20.10 7.61
C GLU A 252 -7.13 -19.67 8.24
N LEU A 253 -8.16 -19.42 7.42
CA LEU A 253 -9.45 -18.97 7.91
C LEU A 253 -10.58 -19.95 7.58
N ASP A 254 -11.71 -19.83 8.28
CA ASP A 254 -12.85 -20.72 8.08
C ASP A 254 -13.41 -20.76 6.66
N ASN A 255 -13.19 -19.69 5.89
CA ASN A 255 -13.68 -19.63 4.52
C ASN A 255 -12.74 -20.40 3.61
N GLY A 256 -11.87 -21.20 4.23
CA GLY A 256 -10.92 -21.98 3.47
C GLY A 256 -9.69 -21.26 2.94
N SER A 257 -9.67 -19.93 2.93
CA SER A 257 -8.52 -19.18 2.43
C SER A 257 -7.33 -19.21 3.41
N SER A 258 -6.15 -18.93 2.90
CA SER A 258 -4.96 -18.94 3.74
C SER A 258 -3.82 -18.09 3.17
N ILE A 259 -2.79 -17.84 3.98
CA ILE A 259 -1.63 -17.10 3.51
C ILE A 259 -0.38 -17.72 4.13
N GLY A 260 0.66 -17.88 3.32
CA GLY A 260 1.90 -18.44 3.83
C GLY A 260 3.09 -17.60 3.40
N ALA A 261 4.11 -17.55 4.26
CA ALA A 261 5.33 -16.80 3.96
C ALA A 261 6.39 -17.80 3.45
N TYR A 262 6.97 -17.52 2.29
CA TYR A 262 7.96 -18.43 1.74
C TYR A 262 9.20 -17.70 1.27
N ALA A 263 10.29 -18.44 1.12
CA ALA A 263 11.55 -17.88 0.65
C ALA A 263 11.59 -18.22 -0.83
N SER A 264 11.46 -17.20 -1.67
CA SER A 264 11.48 -17.37 -3.12
C SER A 264 12.41 -18.50 -3.56
N SER A 265 11.84 -19.61 -4.01
CA SER A 265 12.61 -20.77 -4.49
C SER A 265 11.64 -21.64 -5.30
N PRO A 266 12.16 -22.44 -6.24
CA PRO A 266 11.29 -23.28 -7.06
C PRO A 266 10.32 -24.18 -6.28
N ASP A 267 10.83 -24.83 -5.24
CA ASP A 267 10.02 -25.73 -4.41
C ASP A 267 8.81 -25.05 -3.77
N ALA A 268 9.02 -23.84 -3.25
CA ALA A 268 7.92 -23.12 -2.62
C ALA A 268 6.79 -22.97 -3.63
N VAL A 269 7.15 -22.65 -4.86
CA VAL A 269 6.17 -22.45 -5.91
C VAL A 269 5.50 -23.73 -6.41
N ARG A 270 6.29 -24.78 -6.62
CA ARG A 270 5.75 -26.03 -7.14
C ARG A 270 5.00 -26.90 -6.12
N GLY A 271 5.35 -26.78 -4.85
CA GLY A 271 4.68 -27.57 -3.84
C GLY A 271 3.39 -26.95 -3.34
N ASN A 272 2.84 -26.00 -4.09
CA ASN A 272 1.63 -25.32 -3.69
C ASN A 272 0.73 -24.98 -4.89
N SER A 273 -0.46 -24.47 -4.59
CA SER A 273 -1.41 -24.07 -5.63
C SER A 273 -1.95 -22.68 -5.33
N PHE A 274 -1.07 -21.69 -5.28
CA PHE A 274 -1.48 -20.32 -5.00
C PHE A 274 -2.51 -19.79 -5.99
N ALA A 275 -3.44 -19.00 -5.47
CA ALA A 275 -4.49 -18.40 -6.28
C ALA A 275 -3.98 -17.00 -6.49
N MET A 276 -3.05 -16.62 -5.63
CA MET A 276 -2.44 -15.30 -5.70
C MET A 276 -1.06 -15.32 -5.08
N ILE A 277 -0.12 -14.66 -5.76
CA ILE A 277 1.25 -14.59 -5.29
C ILE A 277 1.68 -13.14 -5.16
N TYR A 278 2.26 -12.78 -4.01
CA TYR A 278 2.77 -11.43 -3.84
C TYR A 278 4.28 -11.57 -3.70
N ILE A 279 5.00 -10.90 -4.57
CA ILE A 279 6.46 -10.93 -4.54
C ILE A 279 7.02 -9.58 -4.18
N GLU A 280 7.55 -9.47 -2.97
CA GLU A 280 8.14 -8.22 -2.53
C GLU A 280 9.65 -8.34 -2.75
N ASP A 281 10.23 -7.40 -3.53
CA ASP A 281 11.68 -7.26 -3.84
C ASP A 281 12.24 -7.84 -5.19
N CYS A 282 11.38 -8.34 -6.06
CA CYS A 282 11.82 -8.85 -7.34
C CYS A 282 13.24 -8.40 -7.76
N ALA A 283 13.41 -7.08 -7.90
CA ALA A 283 14.69 -6.48 -8.32
C ALA A 283 15.94 -6.94 -7.59
N PHE A 284 15.76 -7.39 -6.36
CA PHE A 284 16.89 -7.84 -5.56
C PHE A 284 16.86 -9.33 -5.15
N ILE A 285 16.22 -10.16 -5.96
CA ILE A 285 16.17 -11.61 -5.70
C ILE A 285 17.18 -12.36 -6.57
N PRO A 286 18.24 -12.90 -5.96
CA PRO A 286 19.30 -13.67 -6.63
C PRO A 286 18.81 -14.92 -7.34
N ASN A 287 19.15 -15.05 -8.62
CA ASN A 287 18.75 -16.22 -9.41
C ASN A 287 17.24 -16.23 -9.53
N PHE A 288 16.68 -15.06 -9.81
CA PHE A 288 15.25 -14.92 -9.92
C PHE A 288 14.71 -15.74 -11.09
N HIS A 289 15.56 -16.00 -12.08
CA HIS A 289 15.15 -16.74 -13.26
C HIS A 289 14.55 -18.11 -12.92
N ASP A 290 15.13 -18.78 -11.94
CA ASP A 290 14.64 -20.09 -11.52
C ASP A 290 13.25 -19.99 -10.91
N SER A 291 13.10 -19.06 -9.98
CA SER A 291 11.81 -18.86 -9.30
C SER A 291 10.76 -18.41 -10.30
N TRP A 292 11.21 -17.60 -11.26
CA TRP A 292 10.40 -17.04 -12.32
C TRP A 292 9.85 -18.20 -13.18
N LEU A 293 10.75 -19.11 -13.50
CA LEU A 293 10.43 -20.28 -14.31
C LEU A 293 9.25 -21.04 -13.73
N ALA A 294 9.35 -21.40 -12.45
CA ALA A 294 8.32 -22.16 -11.76
C ALA A 294 6.99 -21.43 -11.60
N ILE A 295 7.03 -20.11 -11.62
CA ILE A 295 5.85 -19.29 -11.47
C ILE A 295 4.99 -19.12 -12.71
N GLN A 296 5.61 -18.93 -13.88
CA GLN A 296 4.84 -18.74 -15.10
C GLN A 296 3.73 -19.76 -15.28
N PRO A 297 3.92 -20.99 -14.79
CA PRO A 297 2.82 -21.94 -14.96
C PRO A 297 1.51 -21.40 -14.37
N VAL A 298 1.57 -20.87 -13.14
CA VAL A 298 0.39 -20.32 -12.49
C VAL A 298 -0.07 -19.00 -13.12
N ILE A 299 0.88 -18.28 -13.70
CA ILE A 299 0.59 -17.00 -14.34
C ILE A 299 -0.06 -17.14 -15.70
N SER A 300 0.41 -18.09 -16.50
CA SER A 300 -0.12 -18.29 -17.84
C SER A 300 -1.22 -19.33 -17.95
N SER A 301 -1.63 -19.63 -19.17
CA SER A 301 -2.69 -20.60 -19.42
C SER A 301 -2.79 -21.67 -18.34
N GLY A 302 -3.87 -21.58 -17.61
CA GLY A 302 -4.16 -22.48 -16.50
C GLY A 302 -5.17 -21.79 -15.63
N ARG A 303 -5.01 -21.91 -14.32
CA ARG A 303 -5.94 -21.28 -13.41
C ARG A 303 -5.78 -19.76 -13.45
N ARG A 304 -4.63 -19.29 -13.93
CA ARG A 304 -4.33 -17.88 -14.03
C ARG A 304 -4.50 -17.17 -12.70
N SER A 305 -3.57 -17.40 -11.80
CA SER A 305 -3.59 -16.78 -10.49
C SER A 305 -3.23 -15.31 -10.58
N LYS A 306 -3.66 -14.55 -9.58
CA LYS A 306 -3.34 -13.14 -9.54
C LYS A 306 -1.88 -13.05 -9.09
N ILE A 307 -1.16 -12.11 -9.66
CA ILE A 307 0.24 -11.94 -9.32
C ILE A 307 0.50 -10.45 -9.12
N ILE A 308 1.02 -10.10 -7.95
CA ILE A 308 1.32 -8.72 -7.62
C ILE A 308 2.77 -8.63 -7.19
N ILE A 309 3.51 -7.76 -7.85
CA ILE A 309 4.93 -7.54 -7.56
C ILE A 309 5.22 -6.08 -7.28
N THR A 310 5.70 -5.77 -6.08
CA THR A 310 6.08 -4.40 -5.76
C THR A 310 7.60 -4.45 -5.64
N THR A 311 8.27 -3.34 -5.93
CA THR A 311 9.72 -3.32 -5.86
C THR A 311 10.28 -1.93 -6.18
N THR A 312 11.57 -1.75 -5.93
CA THR A 312 12.24 -0.50 -6.22
C THR A 312 13.33 -0.90 -7.23
N PRO A 313 13.59 -0.08 -8.25
CA PRO A 313 14.62 -0.42 -9.25
C PRO A 313 16.02 -0.72 -8.71
N ASN A 314 16.68 -1.66 -9.38
CA ASN A 314 18.03 -2.09 -9.00
C ASN A 314 18.89 -2.43 -10.21
N GLY A 315 19.12 -1.45 -11.09
CA GLY A 315 19.95 -1.70 -12.25
C GLY A 315 19.23 -2.28 -13.46
N LEU A 316 20.00 -2.86 -14.38
CA LEU A 316 19.44 -3.44 -15.59
C LEU A 316 19.34 -4.96 -15.48
N ASN A 317 18.70 -5.43 -14.42
CA ASN A 317 18.54 -6.86 -14.21
C ASN A 317 17.15 -7.32 -14.66
N HIS A 318 16.84 -8.59 -14.45
CA HIS A 318 15.56 -9.17 -14.85
C HIS A 318 14.34 -8.25 -14.70
N PHE A 319 14.33 -7.42 -13.66
CA PHE A 319 13.21 -6.51 -13.43
C PHE A 319 13.12 -5.41 -14.48
N TYR A 320 14.28 -5.03 -15.02
CA TYR A 320 14.34 -3.99 -16.03
C TYR A 320 13.59 -4.45 -17.27
N ASP A 321 13.70 -5.73 -17.58
CA ASP A 321 13.02 -6.23 -18.76
C ASP A 321 11.57 -6.64 -18.47
N ILE A 322 11.17 -6.55 -17.20
CA ILE A 322 9.80 -6.87 -16.82
C ILE A 322 9.04 -5.55 -16.86
N TRP A 323 9.61 -4.54 -16.23
CA TRP A 323 9.04 -3.21 -16.18
C TRP A 323 8.91 -2.67 -17.60
N THR A 324 9.98 -2.84 -18.36
CA THR A 324 10.04 -2.39 -19.75
C THR A 324 8.93 -3.00 -20.58
N ALA A 325 8.78 -4.32 -20.49
CA ALA A 325 7.74 -5.01 -21.22
C ALA A 325 6.35 -4.50 -20.83
N ALA A 326 6.19 -4.14 -19.55
CA ALA A 326 4.89 -3.65 -19.06
C ALA A 326 4.59 -2.21 -19.42
N VAL A 327 5.59 -1.34 -19.34
CA VAL A 327 5.40 0.07 -19.64
C VAL A 327 5.03 0.23 -21.11
N GLU A 328 5.59 -0.63 -21.95
CA GLU A 328 5.30 -0.60 -23.37
C GLU A 328 3.92 -1.20 -23.60
N GLY A 329 3.77 -2.44 -23.17
CA GLY A 329 2.49 -3.13 -23.33
C GLY A 329 2.69 -4.49 -23.97
N LYS A 330 3.85 -5.09 -23.70
CA LYS A 330 4.19 -6.41 -24.25
C LYS A 330 3.94 -7.48 -23.19
N SER A 331 3.46 -7.05 -22.02
CA SER A 331 3.19 -7.95 -20.91
C SER A 331 1.77 -7.76 -20.51
N GLY A 332 1.21 -8.76 -19.84
CA GLY A 332 -0.16 -8.62 -19.38
C GLY A 332 -0.14 -7.74 -18.15
N PHE A 333 1.05 -7.58 -17.58
CA PHE A 333 1.23 -6.77 -16.37
C PHE A 333 0.86 -5.30 -16.48
N GLU A 334 0.13 -4.82 -15.48
CA GLU A 334 -0.27 -3.42 -15.41
C GLU A 334 0.83 -2.70 -14.57
N PRO A 335 1.53 -1.71 -15.16
CA PRO A 335 2.60 -0.95 -14.50
C PRO A 335 2.14 0.22 -13.63
N TYR A 336 2.74 0.35 -12.46
CA TYR A 336 2.38 1.45 -11.57
C TYR A 336 3.64 2.00 -10.96
N THR A 337 3.74 3.33 -10.89
CA THR A 337 4.94 3.95 -10.33
C THR A 337 4.62 5.10 -9.39
N ALA A 338 5.33 5.15 -8.27
CA ALA A 338 5.12 6.22 -7.29
C ALA A 338 6.47 6.60 -6.66
N ILE A 339 6.80 7.89 -6.73
CA ILE A 339 8.07 8.37 -6.17
C ILE A 339 7.95 9.34 -4.99
N TRP A 340 9.06 9.95 -4.59
CA TRP A 340 9.09 10.83 -3.41
C TRP A 340 7.94 11.82 -3.23
N ASN A 341 7.46 12.39 -4.32
CA ASN A 341 6.42 13.40 -4.22
C ASN A 341 5.03 12.89 -3.86
N SER A 342 4.96 11.65 -3.39
CA SER A 342 3.69 11.04 -2.97
C SER A 342 3.38 11.32 -1.50
N VAL A 343 4.42 11.62 -0.74
CA VAL A 343 4.22 11.93 0.67
C VAL A 343 4.02 13.44 0.62
N LYS A 344 2.76 13.85 0.74
CA LYS A 344 2.35 15.24 0.63
C LYS A 344 2.90 16.23 1.64
N GLU A 345 3.31 15.74 2.80
CA GLU A 345 3.89 16.63 3.81
C GLU A 345 5.23 17.13 3.28
N ARG A 346 5.76 16.46 2.27
CA ARG A 346 7.02 16.84 1.68
C ARG A 346 6.84 18.03 0.75
N LEU A 347 5.59 18.39 0.52
CA LEU A 347 5.28 19.48 -0.38
C LEU A 347 5.22 20.83 0.36
N TYR A 348 5.35 20.78 1.67
CA TYR A 348 5.31 21.99 2.48
C TYR A 348 6.71 22.26 2.99
N ASN A 349 7.19 23.49 2.80
CA ASN A 349 8.53 23.84 3.27
C ASN A 349 8.62 24.01 4.79
N ASP A 350 9.77 24.47 5.25
CA ASP A 350 10.07 24.69 6.68
C ASP A 350 9.25 25.80 7.33
N GLU A 351 8.76 26.71 6.51
CA GLU A 351 7.96 27.83 6.96
C GLU A 351 6.51 27.34 7.05
N ASP A 352 6.31 26.07 6.71
CA ASP A 352 4.99 25.45 6.70
C ASP A 352 4.14 26.01 5.55
N ILE A 353 4.81 26.31 4.45
CA ILE A 353 4.17 26.86 3.27
C ILE A 353 4.28 25.90 2.07
N PHE A 354 3.17 25.71 1.37
CA PHE A 354 3.17 24.83 0.22
C PHE A 354 4.14 25.33 -0.84
N ASP A 355 5.12 24.51 -1.22
CA ASP A 355 6.09 24.90 -2.24
C ASP A 355 6.27 23.76 -3.23
N ASP A 356 5.42 22.74 -3.10
CA ASP A 356 5.46 21.59 -3.99
C ASP A 356 6.72 20.76 -3.83
N GLY A 357 7.36 20.85 -2.67
CA GLY A 357 8.55 20.04 -2.44
C GLY A 357 9.86 20.63 -2.92
N TRP A 358 9.85 21.89 -3.31
CA TRP A 358 11.06 22.56 -3.73
C TRP A 358 12.13 22.47 -2.63
N GLN A 359 11.76 22.76 -1.39
CA GLN A 359 12.72 22.69 -0.31
C GLN A 359 13.03 21.29 0.23
N TRP A 360 12.03 20.42 0.32
CA TRP A 360 12.27 19.05 0.79
C TRP A 360 13.27 18.28 -0.09
N SER A 361 13.30 18.53 -1.40
CA SER A 361 14.24 17.87 -2.33
C SER A 361 15.65 18.48 -2.21
N ILE A 362 15.72 19.80 -2.20
CA ILE A 362 17.00 20.47 -2.05
C ILE A 362 17.65 20.04 -0.73
N GLN A 363 16.90 20.04 0.37
CA GLN A 363 17.44 19.63 1.67
C GLN A 363 17.94 18.17 1.64
N THR A 364 17.02 17.27 1.31
CA THR A 364 17.32 15.85 1.22
C THR A 364 18.56 15.57 0.37
N ILE A 365 18.71 16.33 -0.71
CA ILE A 365 19.87 16.14 -1.56
C ILE A 365 21.14 16.59 -0.87
N ASN A 366 21.11 17.79 -0.31
CA ASN A 366 22.27 18.34 0.38
C ASN A 366 22.71 17.39 1.47
N GLY A 367 21.73 16.78 2.14
CA GLY A 367 22.01 15.84 3.21
C GLY A 367 22.55 14.53 2.68
N SER A 368 22.80 14.48 1.38
CA SER A 368 23.32 13.26 0.78
C SER A 368 24.01 13.53 -0.57
N SER A 369 23.27 13.35 -1.66
CA SER A 369 23.79 13.52 -3.02
C SER A 369 22.65 13.46 -4.04
N LEU A 370 22.92 13.93 -5.26
CA LEU A 370 21.92 13.87 -6.31
C LEU A 370 21.87 12.40 -6.75
N ALA A 371 23.05 11.81 -6.83
CA ALA A 371 23.20 10.42 -7.20
C ALA A 371 22.36 9.57 -6.28
N GLN A 372 22.55 9.77 -4.98
CA GLN A 372 21.82 9.02 -3.96
C GLN A 372 20.31 9.29 -3.96
N PHE A 373 19.93 10.53 -4.20
CA PHE A 373 18.52 10.93 -4.22
C PHE A 373 17.79 10.12 -5.30
N ARG A 374 18.35 10.06 -6.48
CA ARG A 374 17.68 9.35 -7.56
C ARG A 374 17.41 7.86 -7.33
N GLN A 375 18.36 7.14 -6.74
CA GLN A 375 18.16 5.71 -6.49
C GLN A 375 17.40 5.49 -5.21
N GLU A 376 17.01 6.55 -4.54
CA GLU A 376 16.29 6.42 -3.28
C GLU A 376 14.88 7.02 -3.31
N HIS A 377 14.71 8.06 -4.10
CA HIS A 377 13.42 8.73 -4.19
C HIS A 377 12.80 8.87 -5.59
N THR A 378 13.46 8.39 -6.64
CA THR A 378 12.88 8.54 -7.98
C THR A 378 12.65 7.28 -8.81
N ALA A 379 12.96 6.12 -8.26
CA ALA A 379 12.76 4.88 -9.00
C ALA A 379 13.35 4.89 -10.41
N ALA A 380 14.45 5.61 -10.59
CA ALA A 380 15.13 5.67 -11.88
C ALA A 380 16.00 4.42 -11.95
N PHE A 381 16.42 4.03 -13.14
CA PHE A 381 17.26 2.84 -13.27
C PHE A 381 18.73 3.23 -13.46
N GLU A 382 19.38 3.59 -12.35
CA GLU A 382 20.77 4.03 -12.31
C GLU A 382 20.92 5.51 -12.63
#